data_2RDI
#
_entry.id   2RDI
#
_cell.length_a   92.927
_cell.length_b   51.069
_cell.length_c   86.026
_cell.angle_alpha   90.000
_cell.angle_beta   98.080
_cell.angle_gamma   90.000
#
_symmetry.space_group_name_H-M   'C 1 2 1'
#
loop_
_entity.id
_entity.type
_entity.pdbx_description
1 polymer 'DNA polymerase IV'
2 non-polymer DI(HYDROXYETHYL)ETHER
3 non-polymer GLYCEROL
4 water water
#
_entity_poly.entity_id   1
_entity_poly.type   'polypeptide(L)'
_entity_poly.pdbx_seq_one_letter_code
;MIVLFVDFDYFYAQVEEVLNPSLKGKPVVVCVFSGRFEDSGAVATANYEARKFGVKAGIPIVEAKKILPNAVYLPMRKEV
YQQVSSRIMNLLREYSEKIEIASIDEAYLDISDKVRDYREAYNLGLEIKNKILEKEKITVTVGISKNKVFAKIAADMAKP
NGIKVIDDEEVKRLIRELDIADVPGIGNITAEKLKKLGINKLVDTLSIEFDKLKGMIGEAKAKYLISLARDEYNEPIRTR
VRKSIGRIVTMKRNSRNLEEIKPYLFRAIEESYYKLDKRIPKAIHVVAVTEDLDIVSRGRTFPHGISKETAYSESVKLLQ
KILEEDERKIRRIGVRFSKFIT
;
_entity_poly.pdbx_strand_id   A
#
loop_
_chem_comp.id
_chem_comp.type
_chem_comp.name
_chem_comp.formula
GOL non-polymer GLYCEROL 'C3 H8 O3'
PEG non-polymer DI(HYDROXYETHYL)ETHER 'C4 H10 O3'
#
# COMPACT_ATOMS: atom_id res chain seq x y z
N MET A 1 11.68 10.41 16.71
CA MET A 1 10.37 10.35 16.01
C MET A 1 9.41 9.33 16.62
N ILE A 2 8.19 9.76 16.90
CA ILE A 2 7.15 8.88 17.38
C ILE A 2 5.96 8.97 16.45
N VAL A 3 5.66 7.83 15.80
CA VAL A 3 4.59 7.71 14.84
C VAL A 3 3.46 6.85 15.39
N LEU A 4 2.23 7.34 15.16
CA LEU A 4 1.04 6.69 15.63
C LEU A 4 0.19 6.39 14.42
N PHE A 5 -0.01 5.08 14.14
CA PHE A 5 -0.80 4.64 12.99
C PHE A 5 -2.20 4.19 13.42
N VAL A 6 -3.21 4.55 12.62
CA VAL A 6 -4.57 4.25 12.97
C VAL A 6 -5.16 3.41 11.85
N ASP A 7 -5.67 2.28 12.25
CA ASP A 7 -6.22 1.38 11.28
C ASP A 7 -7.67 1.18 11.68
N PHE A 8 -8.62 1.47 10.78
CA PHE A 8 -10.03 1.35 11.12
C PHE A 8 -10.42 -0.12 10.92
N ASP A 9 -10.94 -0.76 11.96
CA ASP A 9 -11.17 -2.23 11.90
C ASP A 9 -12.36 -2.52 11.00
N TYR A 10 -12.17 -3.41 10.04
CA TYR A 10 -13.27 -3.90 9.19
C TYR A 10 -14.24 -2.80 8.84
N PHE A 11 -13.64 -1.70 8.37
CA PHE A 11 -14.28 -0.40 8.30
C PHE A 11 -15.63 -0.37 7.61
N TYR A 12 -15.76 -0.99 6.43
CA TYR A 12 -17.05 -0.93 5.71
C TYR A 12 -18.16 -1.67 6.47
N ALA A 13 -17.81 -2.80 7.10
CA ALA A 13 -18.75 -3.58 7.90
C ALA A 13 -19.19 -2.80 9.14
N GLN A 14 -18.25 -2.18 9.85
CA GLN A 14 -18.60 -1.31 11.00
C GLN A 14 -19.52 -0.17 10.58
N VAL A 15 -19.21 0.49 9.46
CA VAL A 15 -20.10 1.54 8.96
C VAL A 15 -21.50 1.02 8.62
N GLU A 16 -21.61 -0.11 7.92
CA GLU A 16 -22.95 -0.68 7.67
C GLU A 16 -23.75 -0.98 8.97
N GLU A 17 -23.07 -1.41 10.02
CA GLU A 17 -23.70 -1.71 11.31
C GLU A 17 -24.11 -0.45 12.06
N VAL A 18 -23.28 0.58 11.98
CA VAL A 18 -23.62 1.86 12.60
C VAL A 18 -24.84 2.46 11.89
N LEU A 19 -24.84 2.36 10.57
CA LEU A 19 -25.92 2.90 9.77
C LEU A 19 -27.23 2.10 9.80
N ASN A 20 -27.12 0.80 10.01
CA ASN A 20 -28.26 -0.10 10.10
C ASN A 20 -28.15 -0.93 11.39
N PRO A 21 -28.54 -0.36 12.53
CA PRO A 21 -28.37 -1.01 13.84
C PRO A 21 -28.96 -2.41 13.99
N SER A 22 -30.01 -2.73 13.22
CA SER A 22 -30.66 -4.04 13.29
C SER A 22 -29.81 -5.16 12.67
N LEU A 23 -28.74 -4.78 11.96
CA LEU A 23 -27.78 -5.74 11.42
C LEU A 23 -26.78 -6.22 12.46
N LYS A 24 -26.60 -5.46 13.55
CA LYS A 24 -25.66 -5.85 14.60
C LYS A 24 -26.05 -7.20 15.19
N GLY A 25 -25.07 -8.08 15.37
CA GLY A 25 -25.31 -9.42 15.87
C GLY A 25 -25.57 -10.46 14.79
N LYS A 26 -25.73 -10.01 13.54
CA LYS A 26 -25.99 -10.86 12.37
C LYS A 26 -24.76 -10.89 11.45
N PRO A 27 -24.56 -11.98 10.68
CA PRO A 27 -23.44 -11.94 9.72
C PRO A 27 -23.73 -10.96 8.60
N VAL A 28 -22.79 -10.06 8.35
CA VAL A 28 -22.89 -9.03 7.31
C VAL A 28 -21.67 -9.14 6.41
N VAL A 29 -21.91 -9.18 5.10
CA VAL A 29 -20.81 -9.29 4.15
C VAL A 29 -20.99 -8.17 3.14
N VAL A 30 -20.04 -7.26 3.11
CA VAL A 30 -19.98 -6.17 2.11
C VAL A 30 -19.22 -6.66 0.88
N CYS A 31 -19.86 -6.56 -0.29
CA CYS A 31 -19.35 -7.10 -1.55
C CYS A 31 -18.86 -6.01 -2.51
N VAL A 32 -17.72 -6.24 -3.18
CA VAL A 32 -17.25 -5.39 -4.27
C VAL A 32 -17.73 -6.00 -5.57
N PHE A 33 -18.37 -5.22 -6.42
CA PHE A 33 -18.65 -5.66 -7.80
C PHE A 33 -17.91 -4.78 -8.77
N SER A 40 -20.72 -11.78 -9.94
CA SER A 40 -19.78 -11.54 -8.86
C SER A 40 -18.38 -11.19 -9.37
N GLY A 41 -17.56 -10.52 -8.55
CA GLY A 41 -17.94 -10.07 -7.21
C GLY A 41 -17.15 -10.76 -6.12
N ALA A 42 -16.60 -9.98 -5.20
CA ALA A 42 -15.75 -10.47 -4.10
C ALA A 42 -16.12 -9.83 -2.75
N VAL A 43 -15.68 -10.47 -1.66
CA VAL A 43 -15.87 -9.90 -0.32
C VAL A 43 -14.92 -8.71 -0.11
N ALA A 44 -15.51 -7.52 0.07
CA ALA A 44 -14.72 -6.35 0.45
C ALA A 44 -14.39 -6.47 1.93
N THR A 45 -15.42 -6.69 2.74
CA THR A 45 -15.30 -6.86 4.18
C THR A 45 -16.40 -7.72 4.83
N ALA A 46 -16.01 -8.46 5.85
CA ALA A 46 -16.93 -9.32 6.63
C ALA A 46 -16.94 -8.87 8.09
N ASN A 47 -18.14 -8.75 8.68
CA ASN A 47 -18.27 -8.26 10.04
C ASN A 47 -17.91 -9.37 11.05
N TYR A 48 -18.04 -9.10 12.35
CA TYR A 48 -17.62 -10.05 13.38
C TYR A 48 -18.25 -11.44 13.20
N GLU A 49 -19.58 -11.51 13.06
CA GLU A 49 -20.30 -12.79 12.92
C GLU A 49 -19.97 -13.53 11.63
N ALA A 50 -19.86 -12.80 10.52
CA ALA A 50 -19.52 -13.40 9.24
C ALA A 50 -18.14 -14.03 9.26
N ARG A 51 -17.18 -13.35 9.89
CA ARG A 51 -15.81 -13.87 10.03
C ARG A 51 -15.78 -15.11 10.91
N LYS A 52 -16.47 -15.04 12.05
CA LYS A 52 -16.63 -16.17 12.97
C LYS A 52 -17.09 -17.43 12.24
N PHE A 53 -18.02 -17.28 11.30
CA PHE A 53 -18.61 -18.42 10.60
C PHE A 53 -17.91 -18.76 9.28
N GLY A 54 -16.78 -18.09 9.03
CA GLY A 54 -15.82 -18.53 8.03
C GLY A 54 -15.68 -17.75 6.75
N VAL A 55 -16.25 -16.55 6.69
CA VAL A 55 -16.13 -15.67 5.54
C VAL A 55 -14.95 -14.71 5.74
N LYS A 56 -14.07 -14.61 4.74
CA LYS A 56 -12.87 -13.77 4.77
C LYS A 56 -12.95 -12.79 3.59
N ALA A 57 -12.33 -11.63 3.73
CA ALA A 57 -12.20 -10.65 2.64
C ALA A 57 -11.42 -11.22 1.47
N GLY A 58 -11.75 -10.77 0.28
CA GLY A 58 -11.01 -11.18 -0.91
C GLY A 58 -11.57 -12.39 -1.63
N ILE A 59 -12.39 -13.21 -0.95
CA ILE A 59 -12.95 -14.42 -1.60
C ILE A 59 -14.13 -14.12 -2.54
N PRO A 60 -14.35 -14.96 -3.57
CA PRO A 60 -15.54 -14.77 -4.42
C PRO A 60 -16.83 -14.86 -3.62
N ILE A 61 -17.81 -14.04 -3.97
CA ILE A 61 -19.11 -14.02 -3.27
C ILE A 61 -19.78 -15.38 -3.38
N VAL A 62 -19.63 -16.01 -4.55
CA VAL A 62 -20.11 -17.38 -4.79
C VAL A 62 -19.54 -18.34 -3.72
N GLU A 63 -18.26 -18.17 -3.36
CA GLU A 63 -17.62 -18.99 -2.33
C GLU A 63 -18.13 -18.63 -0.94
N ALA A 64 -18.34 -17.33 -0.72
CA ALA A 64 -18.89 -16.80 0.55
C ALA A 64 -20.27 -17.40 0.81
N LYS A 65 -21.10 -17.46 -0.22
CA LYS A 65 -22.44 -18.03 -0.12
C LYS A 65 -22.46 -19.56 0.08
N LYS A 66 -21.40 -20.27 -0.32
CA LYS A 66 -21.24 -21.71 -0.04
C LYS A 66 -20.87 -21.95 1.44
N ILE A 67 -19.95 -21.13 1.96
CA ILE A 67 -19.57 -21.14 3.37
C ILE A 67 -20.75 -20.74 4.28
N LEU A 68 -21.38 -19.60 3.97
CA LEU A 68 -22.38 -19.01 4.86
C LEU A 68 -23.56 -18.53 4.04
N PRO A 69 -24.41 -19.48 3.58
CA PRO A 69 -25.50 -19.16 2.67
C PRO A 69 -26.43 -18.03 3.10
N ASN A 70 -26.67 -17.89 4.41
CA ASN A 70 -27.71 -16.95 4.87
C ASN A 70 -27.20 -15.65 5.52
N ALA A 71 -25.93 -15.33 5.33
CA ALA A 71 -25.45 -14.01 5.73
C ALA A 71 -26.26 -12.89 5.04
N VAL A 72 -26.19 -11.68 5.59
CA VAL A 72 -26.70 -10.48 4.92
C VAL A 72 -25.60 -9.99 3.96
N TYR A 73 -25.82 -10.17 2.64
CA TYR A 73 -24.89 -9.71 1.58
C TYR A 73 -25.25 -8.33 1.06
N LEU A 74 -24.38 -7.35 1.34
CA LEU A 74 -24.63 -5.95 0.95
C LEU A 74 -23.66 -5.50 -0.13
N PRO A 75 -24.12 -4.68 -1.10
CA PRO A 75 -23.19 -4.07 -2.05
C PRO A 75 -22.44 -2.91 -1.39
N MET A 76 -21.21 -2.69 -1.86
CA MET A 76 -20.37 -1.60 -1.37
C MET A 76 -20.99 -0.22 -1.63
N ARG A 77 -20.95 0.64 -0.62
CA ARG A 77 -21.42 2.02 -0.78
C ARG A 77 -20.24 2.94 -0.47
N LYS A 78 -19.26 2.98 -1.37
CA LYS A 78 -17.98 3.63 -1.03
C LYS A 78 -18.09 5.12 -0.69
N GLU A 79 -19.03 5.81 -1.37
CA GLU A 79 -19.31 7.24 -1.15
C GLU A 79 -19.66 7.48 0.32
N VAL A 80 -20.47 6.58 0.86
CA VAL A 80 -20.95 6.70 2.23
C VAL A 80 -19.78 6.46 3.19
N TYR A 81 -19.04 5.38 2.93
CA TYR A 81 -17.85 5.03 3.72
C TYR A 81 -16.83 6.16 3.72
N GLN A 82 -16.69 6.83 2.56
CA GLN A 82 -15.76 7.96 2.42
C GLN A 82 -16.14 9.18 3.26
N GLN A 83 -17.44 9.42 3.38
CA GLN A 83 -17.96 10.49 4.23
C GLN A 83 -17.54 10.27 5.68
N VAL A 84 -17.78 9.05 6.18
CA VAL A 84 -17.40 8.66 7.55
C VAL A 84 -15.88 8.79 7.72
N SER A 85 -15.13 8.25 6.75
CA SER A 85 -13.68 8.26 6.80
C SER A 85 -13.11 9.69 6.96
N SER A 86 -13.58 10.58 6.11
CA SER A 86 -13.16 11.97 6.14
C SER A 86 -13.42 12.68 7.48
N ARG A 87 -14.57 12.40 8.11
CA ARG A 87 -14.81 12.92 9.48
C ARG A 87 -13.79 12.34 10.46
N ILE A 88 -13.46 11.06 10.33
CA ILE A 88 -12.50 10.49 11.25
C ILE A 88 -11.10 11.11 11.05
N MET A 89 -10.72 11.38 9.81
CA MET A 89 -9.41 11.99 9.50
C MET A 89 -9.35 13.42 10.08
N ASN A 90 -10.47 14.13 9.97
CA ASN A 90 -10.65 15.42 10.61
C ASN A 90 -10.44 15.37 12.12
N LEU A 91 -11.13 14.46 12.82
CA LEU A 91 -10.85 14.15 14.24
C LEU A 91 -9.37 13.97 14.52
N LEU A 92 -8.68 13.24 13.64
CA LEU A 92 -7.28 12.95 13.86
C LEU A 92 -6.30 14.10 13.71
N ARG A 93 -6.68 15.20 13.01
CA ARG A 93 -5.83 16.38 12.75
C ARG A 93 -5.73 17.26 14.02
N GLU A 94 -6.84 17.32 14.75
CA GLU A 94 -6.83 17.89 16.08
C GLU A 94 -5.92 17.21 17.11
N TYR A 95 -5.40 16.02 16.79
CA TYR A 95 -4.34 15.44 17.64
C TYR A 95 -2.93 15.70 17.11
N SER A 96 -2.79 15.85 15.79
CA SER A 96 -1.53 16.28 15.19
C SER A 96 -1.86 16.82 13.81
N GLU A 97 -1.15 17.85 13.39
CA GLU A 97 -1.28 18.42 12.05
C GLU A 97 -0.44 17.66 11.02
N LYS A 98 0.43 16.75 11.49
CA LYS A 98 1.29 15.99 10.61
C LYS A 98 0.57 14.66 10.46
N ILE A 99 -0.33 14.60 9.50
CA ILE A 99 -1.15 13.44 9.22
C ILE A 99 -0.87 12.94 7.81
N GLU A 100 -0.85 11.63 7.64
CA GLU A 100 -0.75 11.07 6.32
C GLU A 100 -1.93 10.10 6.16
N ILE A 101 -2.87 10.50 5.31
CA ILE A 101 -4.03 9.69 4.99
C ILE A 101 -3.51 8.71 3.94
N ALA A 102 -3.28 7.48 4.39
CA ALA A 102 -2.74 6.41 3.54
C ALA A 102 -3.81 5.75 2.70
N SER A 103 -5.02 5.64 3.21
CA SER A 103 -6.16 5.13 2.44
C SER A 103 -7.43 5.44 3.20
N ILE A 104 -8.57 4.99 2.67
CA ILE A 104 -9.87 5.16 3.31
C ILE A 104 -9.94 4.71 4.78
N ASP A 105 -9.14 3.72 5.16
CA ASP A 105 -9.17 3.25 6.56
C ASP A 105 -7.84 3.25 7.27
N GLU A 106 -6.90 4.08 6.84
CA GLU A 106 -5.54 4.04 7.38
C GLU A 106 -4.93 5.45 7.44
N ALA A 107 -4.44 5.86 8.61
CA ALA A 107 -3.77 7.17 8.71
C ALA A 107 -2.59 7.12 9.68
N TYR A 108 -1.51 7.80 9.34
CA TYR A 108 -0.35 7.93 10.22
C TYR A 108 -0.33 9.32 10.82
N LEU A 109 0.10 9.43 12.07
CA LEU A 109 0.32 10.73 12.74
C LEU A 109 1.74 10.75 13.30
N ASP A 110 2.44 11.84 13.04
CA ASP A 110 3.70 12.15 13.71
C ASP A 110 3.31 12.90 14.99
N ILE A 111 3.60 12.32 16.16
CA ILE A 111 3.21 12.86 17.43
C ILE A 111 4.47 13.16 18.30
N SER A 112 5.59 13.33 17.63
CA SER A 112 6.88 13.58 18.27
C SER A 112 6.85 14.82 19.17
N ASP A 113 6.04 15.82 18.79
CA ASP A 113 5.93 17.08 19.52
C ASP A 113 4.76 17.07 20.49
N LYS A 114 3.89 16.08 20.38
CA LYS A 114 2.70 15.98 21.23
C LYS A 114 2.99 15.19 22.51
N VAL A 115 4.00 14.31 22.48
CA VAL A 115 4.29 13.40 23.60
C VAL A 115 5.78 13.25 23.86
N ARG A 116 6.10 12.81 25.06
CA ARG A 116 7.47 12.78 25.58
C ARG A 116 8.15 11.42 25.39
N ASP A 117 7.36 10.35 25.47
CA ASP A 117 7.87 8.97 25.43
C ASP A 117 6.78 8.01 24.92
N TYR A 118 7.05 6.72 25.03
CA TYR A 118 6.12 5.72 24.48
C TYR A 118 4.91 5.51 25.40
N ARG A 119 5.11 5.74 26.69
CA ARG A 119 4.04 5.72 27.70
C ARG A 119 2.98 6.78 27.39
N GLU A 120 3.44 8.00 27.18
CA GLU A 120 2.60 9.11 26.73
C GLU A 120 1.97 8.87 25.36
N ALA A 121 2.73 8.30 24.43
CA ALA A 121 2.19 7.87 23.14
C ALA A 121 1.00 6.92 23.29
N TYR A 122 1.19 5.91 24.14
CA TYR A 122 0.17 4.94 24.46
C TYR A 122 -1.13 5.56 24.99
N ASN A 123 -1.02 6.42 26.00
CA ASN A 123 -2.18 7.11 26.53
C ASN A 123 -2.89 7.92 25.46
N LEU A 124 -2.12 8.64 24.64
CA LEU A 124 -2.72 9.36 23.50
C LEU A 124 -3.43 8.42 22.51
N GLY A 125 -2.83 7.26 22.22
CA GLY A 125 -3.51 6.26 21.41
C GLY A 125 -4.84 5.83 22.01
N LEU A 126 -4.87 5.69 23.33
CA LEU A 126 -6.09 5.36 24.07
C LEU A 126 -7.16 6.43 23.92
N GLU A 127 -6.72 7.68 24.04
CA GLU A 127 -7.61 8.81 23.91
C GLU A 127 -8.20 8.97 22.48
N ILE A 128 -7.36 8.76 21.47
CA ILE A 128 -7.84 8.68 20.07
C ILE A 128 -8.90 7.58 19.85
N LYS A 129 -8.67 6.38 20.39
CA LYS A 129 -9.64 5.29 20.33
C LYS A 129 -10.98 5.66 20.96
N ASN A 130 -10.91 6.23 22.16
CA ASN A 130 -12.09 6.69 22.91
C ASN A 130 -12.85 7.78 22.15
N LYS A 131 -12.11 8.72 21.56
CA LYS A 131 -12.69 9.84 20.82
C LYS A 131 -13.45 9.36 19.56
N ILE A 132 -12.84 8.44 18.81
CA ILE A 132 -13.45 7.96 17.58
C ILE A 132 -14.67 7.11 17.94
N LEU A 133 -14.57 6.27 18.96
CA LEU A 133 -15.70 5.42 19.38
C LEU A 133 -16.87 6.28 19.82
N GLU A 134 -16.58 7.29 20.63
CA GLU A 134 -17.61 8.23 21.10
C GLU A 134 -18.31 8.94 19.92
N LYS A 135 -17.53 9.45 18.98
CA LYS A 135 -18.07 10.31 17.91
C LYS A 135 -18.62 9.57 16.69
N GLU A 136 -18.03 8.42 16.36
CA GLU A 136 -18.35 7.72 15.11
C GLU A 136 -18.83 6.26 15.31
N LYS A 137 -18.85 5.80 16.57
CA LYS A 137 -19.34 4.46 16.96
C LYS A 137 -18.55 3.30 16.31
N ILE A 138 -17.27 3.56 16.08
CA ILE A 138 -16.36 2.73 15.30
C ILE A 138 -15.12 2.48 16.14
N THR A 139 -14.70 1.21 16.21
CA THR A 139 -13.44 0.85 16.84
C THR A 139 -12.31 0.93 15.81
N VAL A 140 -11.10 1.21 16.32
CA VAL A 140 -9.89 1.31 15.52
C VAL A 140 -8.75 0.59 16.23
N THR A 141 -7.75 0.17 15.46
CA THR A 141 -6.48 -0.23 16.01
C THR A 141 -5.38 0.83 15.88
N VAL A 142 -4.67 1.00 16.98
CA VAL A 142 -3.53 1.89 17.04
C VAL A 142 -2.18 1.15 17.18
N GLY A 143 -1.28 1.37 16.22
CA GLY A 143 0.11 0.95 16.35
C GLY A 143 1.04 2.13 16.53
N ILE A 144 1.98 1.99 17.44
CA ILE A 144 2.91 3.08 17.73
C ILE A 144 4.36 2.62 17.66
N SER A 145 5.16 3.29 16.85
CA SER A 145 6.59 3.00 16.89
C SER A 145 7.44 4.20 16.47
N LYS A 146 8.71 3.94 16.15
CA LYS A 146 9.65 5.00 15.74
C LYS A 146 9.56 5.44 14.27
N ASN A 147 8.83 4.71 13.44
CA ASN A 147 8.63 5.11 12.06
C ASN A 147 7.33 4.53 11.54
N LYS A 148 6.92 4.93 10.33
CA LYS A 148 5.62 4.51 9.81
C LYS A 148 5.54 2.98 9.68
N VAL A 149 6.66 2.36 9.28
CA VAL A 149 6.65 0.91 8.98
C VAL A 149 6.42 0.07 10.23
N PHE A 150 7.16 0.36 11.30
CA PHE A 150 6.99 -0.32 12.55
C PHE A 150 5.67 0.02 13.28
N ALA A 151 5.13 1.22 13.03
CA ALA A 151 3.80 1.57 13.55
C ALA A 151 2.70 0.75 12.86
N LYS A 152 2.93 0.44 11.59
CA LYS A 152 1.98 -0.37 10.83
C LYS A 152 2.12 -1.86 11.27
N ILE A 153 3.35 -2.35 11.44
CA ILE A 153 3.58 -3.71 12.03
C ILE A 153 2.92 -3.80 13.41
N ALA A 154 3.02 -2.74 14.20
CA ALA A 154 2.39 -2.70 15.51
C ALA A 154 0.89 -2.97 15.41
N ALA A 155 0.23 -2.27 14.50
CA ALA A 155 -1.23 -2.35 14.32
C ALA A 155 -1.65 -3.75 13.89
N ASP A 156 -0.81 -4.31 13.04
CA ASP A 156 -1.06 -5.67 12.52
C ASP A 156 -0.86 -6.77 13.58
N MET A 157 0.03 -6.55 14.55
CA MET A 157 0.12 -7.38 15.76
C MET A 157 -1.11 -7.25 16.71
N ALA A 158 -1.80 -6.09 16.71
CA ALA A 158 -2.89 -5.79 17.63
C ALA A 158 -4.32 -5.89 17.09
N LYS A 159 -4.50 -5.85 15.77
CA LYS A 159 -5.86 -5.73 15.21
C LYS A 159 -6.67 -7.01 15.37
N PRO A 160 -8.00 -6.90 15.53
CA PRO A 160 -8.80 -5.68 15.67
C PRO A 160 -8.92 -5.07 17.08
N ASN A 161 -9.44 -3.86 17.15
CA ASN A 161 -9.73 -3.13 18.40
C ASN A 161 -8.58 -3.15 19.43
N GLY A 162 -7.35 -2.94 18.96
CA GLY A 162 -6.17 -3.07 19.79
C GLY A 162 -5.32 -1.83 19.87
N ILE A 163 -4.21 -1.95 20.60
CA ILE A 163 -3.22 -0.88 20.70
C ILE A 163 -1.90 -1.55 21.07
N LYS A 164 -0.84 -1.21 20.36
CA LYS A 164 0.45 -1.82 20.54
C LYS A 164 1.53 -0.79 20.27
N VAL A 165 2.52 -0.79 21.15
CA VAL A 165 3.77 -0.07 20.98
C VAL A 165 4.93 -1.01 20.69
N ILE A 166 5.71 -0.67 19.66
CA ILE A 166 7.01 -1.28 19.43
C ILE A 166 8.10 -0.26 19.79
N ASP A 167 8.66 -0.41 20.98
CA ASP A 167 9.73 0.47 21.43
C ASP A 167 11.04 0.25 20.65
N ASP A 168 12.04 1.08 20.92
CA ASP A 168 13.31 1.02 20.20
C ASP A 168 14.01 -0.32 20.28
N GLU A 169 13.94 -0.95 21.45
CA GLU A 169 14.54 -2.27 21.66
C GLU A 169 13.77 -3.34 20.86
N GLU A 170 12.45 -3.28 20.88
CA GLU A 170 11.66 -4.21 20.06
C GLU A 170 11.84 -4.02 18.54
N VAL A 171 12.04 -2.79 18.06
CA VAL A 171 12.43 -2.57 16.66
C VAL A 171 13.69 -3.38 16.28
N LYS A 172 14.70 -3.33 17.14
CA LYS A 172 15.96 -4.05 16.90
C LYS A 172 15.77 -5.57 16.92
N ARG A 173 15.00 -6.11 17.87
CA ARG A 173 14.69 -7.55 17.87
C ARG A 173 13.95 -7.93 16.60
N LEU A 174 12.97 -7.10 16.21
CA LEU A 174 12.20 -7.35 14.99
C LEU A 174 13.02 -7.33 13.71
N ILE A 175 13.96 -6.39 13.60
CA ILE A 175 14.87 -6.38 12.45
C ILE A 175 15.61 -7.72 12.30
N ARG A 176 16.03 -8.30 13.42
CA ARG A 176 16.68 -9.62 13.43
C ARG A 176 15.74 -10.80 13.16
N GLU A 177 14.48 -10.70 13.58
CA GLU A 177 13.59 -11.88 13.62
C GLU A 177 12.55 -11.92 12.52
N LEU A 178 12.15 -10.73 12.05
CA LEU A 178 11.18 -10.62 10.96
C LEU A 178 11.72 -11.26 9.70
N ASP A 179 10.88 -12.05 9.05
CA ASP A 179 11.20 -12.59 7.74
C ASP A 179 10.82 -11.48 6.72
N ILE A 180 11.42 -11.58 5.55
CA ILE A 180 11.17 -10.62 4.47
C ILE A 180 9.68 -10.44 4.17
N ALA A 181 8.92 -11.53 4.09
CA ALA A 181 7.49 -11.46 3.79
C ALA A 181 6.65 -10.72 4.86
N ASP A 182 7.21 -10.61 6.07
CA ASP A 182 6.58 -9.87 7.18
C ASP A 182 6.64 -8.34 7.06
N VAL A 183 7.50 -7.85 6.17
CA VAL A 183 7.71 -6.40 6.03
C VAL A 183 6.61 -5.77 5.17
N PRO A 184 5.89 -4.76 5.71
CA PRO A 184 4.84 -4.11 4.92
C PRO A 184 5.31 -3.72 3.52
N GLY A 185 4.47 -4.00 2.52
CA GLY A 185 4.75 -3.65 1.12
C GLY A 185 5.54 -4.66 0.31
N ILE A 186 6.04 -5.72 0.97
CA ILE A 186 6.90 -6.72 0.32
C ILE A 186 6.17 -8.07 0.24
N GLY A 187 6.04 -8.60 -0.97
CA GLY A 187 5.29 -9.83 -1.21
C GLY A 187 6.11 -11.11 -1.15
N ASN A 188 5.44 -12.23 -1.39
CA ASN A 188 6.05 -13.55 -1.36
C ASN A 188 6.99 -13.84 -2.52
N ILE A 189 6.64 -13.33 -3.70
CA ILE A 189 7.51 -13.45 -4.88
C ILE A 189 8.87 -12.86 -4.56
N THR A 190 8.88 -11.67 -3.99
CA THR A 190 10.09 -10.97 -3.58
C THR A 190 10.82 -11.72 -2.47
N ALA A 191 10.06 -12.24 -1.50
CA ALA A 191 10.61 -13.01 -0.40
C ALA A 191 11.29 -14.29 -0.90
N GLU A 192 10.63 -14.96 -1.85
CA GLU A 192 11.11 -16.23 -2.43
C GLU A 192 12.42 -16.09 -3.21
N LYS A 193 12.55 -15.02 -3.99
CA LYS A 193 13.81 -14.69 -4.67
C LYS A 193 14.94 -14.48 -3.66
N LEU A 194 14.67 -13.68 -2.64
CA LEU A 194 15.64 -13.42 -1.59
C LEU A 194 16.00 -14.68 -0.81
N LYS A 195 15.02 -15.57 -0.61
CA LYS A 195 15.23 -16.88 0.05
C LYS A 195 16.25 -17.71 -0.71
N LYS A 196 16.12 -17.69 -2.04
CA LYS A 196 17.04 -18.36 -2.96
C LYS A 196 18.50 -17.97 -2.70
N LEU A 197 18.72 -16.79 -2.11
CA LEU A 197 20.07 -16.33 -1.74
C LEU A 197 20.44 -16.54 -0.27
N GLY A 198 19.52 -17.12 0.50
CA GLY A 198 19.72 -17.24 1.95
C GLY A 198 19.54 -15.90 2.63
N ILE A 199 18.86 -14.97 1.97
CA ILE A 199 18.40 -13.73 2.60
C ILE A 199 16.99 -13.97 3.10
N ASN A 200 16.89 -14.19 4.40
CA ASN A 200 15.67 -14.69 5.03
C ASN A 200 15.05 -13.67 5.96
N LYS A 201 15.88 -13.12 6.83
CA LYS A 201 15.51 -12.13 7.84
C LYS A 201 15.72 -10.74 7.28
N LEU A 202 15.07 -9.75 7.88
CA LEU A 202 15.27 -8.35 7.47
C LEU A 202 16.73 -7.95 7.61
N VAL A 203 17.37 -8.34 8.72
CA VAL A 203 18.80 -8.03 8.94
C VAL A 203 19.71 -8.60 7.85
N ASP A 204 19.31 -9.70 7.21
CA ASP A 204 20.13 -10.36 6.18
C ASP A 204 20.33 -9.50 4.94
N THR A 205 19.48 -8.49 4.74
CA THR A 205 19.63 -7.58 3.60
C THR A 205 20.90 -6.73 3.71
N LEU A 206 21.49 -6.69 4.91
CA LEU A 206 22.76 -5.98 5.14
C LEU A 206 24.03 -6.81 4.81
N SER A 207 23.84 -8.08 4.42
CA SER A 207 24.95 -8.96 4.07
C SER A 207 25.20 -9.02 2.55
N ILE A 208 24.40 -8.27 1.81
CA ILE A 208 24.44 -8.29 0.35
C ILE A 208 24.79 -6.88 -0.16
N GLU A 209 25.65 -6.80 -1.19
CA GLU A 209 25.95 -5.53 -1.86
C GLU A 209 24.67 -4.89 -2.41
N PHE A 210 24.56 -3.57 -2.30
CA PHE A 210 23.36 -2.85 -2.75
C PHE A 210 23.04 -3.10 -4.23
N ASP A 211 24.07 -3.01 -5.09
CA ASP A 211 23.92 -3.22 -6.53
C ASP A 211 23.37 -4.60 -6.88
N LYS A 212 23.78 -5.62 -6.12
CA LYS A 212 23.28 -6.98 -6.29
C LYS A 212 21.82 -7.12 -5.83
N LEU A 213 21.49 -6.49 -4.70
CA LEU A 213 20.13 -6.53 -4.17
C LEU A 213 19.15 -5.89 -5.14
N LYS A 214 19.50 -4.71 -5.63
CA LYS A 214 18.62 -3.98 -6.52
C LYS A 214 18.46 -4.68 -7.88
N GLY A 215 19.48 -5.43 -8.30
CA GLY A 215 19.41 -6.23 -9.54
C GLY A 215 18.33 -7.32 -9.50
N MET A 216 18.14 -7.90 -8.32
CA MET A 216 17.14 -8.95 -8.12
C MET A 216 15.73 -8.47 -7.76
N ILE A 217 15.64 -7.42 -6.94
CA ILE A 217 14.33 -6.97 -6.42
C ILE A 217 13.91 -5.54 -6.83
N GLY A 218 14.80 -4.82 -7.52
CA GLY A 218 14.51 -3.45 -7.92
C GLY A 218 15.11 -2.44 -6.95
N GLU A 219 15.37 -1.23 -7.46
CA GLU A 219 15.99 -0.15 -6.70
C GLU A 219 15.20 0.33 -5.49
N ALA A 220 13.89 0.53 -5.67
CA ALA A 220 13.03 1.04 -4.60
C ALA A 220 12.88 0.09 -3.40
N LYS A 221 12.60 -1.19 -3.68
CA LYS A 221 12.49 -2.24 -2.65
C LYS A 221 13.82 -2.44 -1.92
N ALA A 222 14.92 -2.45 -2.68
CA ALA A 222 16.27 -2.56 -2.12
C ALA A 222 16.56 -1.43 -1.12
N LYS A 223 16.36 -0.19 -1.55
CA LYS A 223 16.55 0.97 -0.68
C LYS A 223 15.66 0.95 0.57
N TYR A 224 14.41 0.53 0.39
CA TYR A 224 13.44 0.39 1.46
C TYR A 224 13.89 -0.63 2.50
N LEU A 225 14.24 -1.83 2.04
CA LEU A 225 14.63 -2.88 2.98
C LEU A 225 15.91 -2.53 3.72
N ILE A 226 16.87 -1.95 3.01
CA ILE A 226 18.15 -1.62 3.61
C ILE A 226 18.01 -0.53 4.68
N SER A 227 17.26 0.52 4.38
CA SER A 227 17.07 1.61 5.37
C SER A 227 16.34 1.13 6.63
N LEU A 228 15.38 0.21 6.44
CA LEU A 228 14.71 -0.43 7.56
C LEU A 228 15.63 -1.28 8.41
N ALA A 229 16.40 -2.16 7.76
CA ALA A 229 17.35 -3.04 8.42
C ALA A 229 18.46 -2.27 9.15
N ARG A 230 18.88 -1.16 8.55
CA ARG A 230 19.81 -0.24 9.18
C ARG A 230 19.18 0.55 10.34
N ASP A 231 17.88 0.38 10.55
CA ASP A 231 17.14 1.14 11.58
C ASP A 231 17.29 2.64 11.28
N GLU A 232 17.28 2.97 9.99
CA GLU A 232 17.54 4.33 9.51
C GLU A 232 16.35 4.89 8.75
N TYR A 233 15.29 4.10 8.60
CA TYR A 233 14.06 4.59 7.94
C TYR A 233 13.40 5.72 8.74
N ASN A 234 13.26 6.89 8.13
CA ASN A 234 12.60 8.02 8.79
C ASN A 234 11.75 8.87 7.85
N GLU A 235 10.99 8.21 6.97
CA GLU A 235 10.18 8.90 5.98
C GLU A 235 9.15 9.84 6.64
N PRO A 236 9.15 11.13 6.25
CA PRO A 236 8.19 12.07 6.81
C PRO A 236 6.73 11.64 6.69
N ILE A 237 5.92 12.07 7.65
CA ILE A 237 4.49 11.79 7.65
C ILE A 237 3.75 12.98 7.05
N ARG A 238 3.36 12.84 5.79
CA ARG A 238 2.50 13.80 5.13
C ARG A 238 1.72 13.13 4.02
N THR A 239 0.54 13.67 3.71
CA THR A 239 -0.30 13.12 2.65
C THR A 239 0.14 13.60 1.28
N ARG A 240 0.43 12.67 0.39
CA ARG A 240 0.80 12.99 -0.98
C ARG A 240 -0.03 12.20 -1.98
N VAL A 241 -1.10 12.81 -2.49
CA VAL A 241 -0.97 13.87 -3.47
C VAL A 241 -0.29 13.38 -4.74
N ARG A 242 -0.86 12.34 -5.36
CA ARG A 242 -0.31 11.76 -6.56
C ARG A 242 -1.35 11.67 -7.66
N LYS A 243 -1.18 12.48 -8.71
CA LYS A 243 -2.04 12.42 -9.87
C LYS A 243 -1.48 11.35 -10.79
N SER A 244 -0.21 11.01 -10.57
CA SER A 244 0.53 10.06 -11.38
C SER A 244 1.62 9.40 -10.55
N ILE A 245 1.94 8.15 -10.90
CA ILE A 245 3.06 7.42 -10.33
C ILE A 245 3.80 6.77 -11.48
N GLY A 246 5.12 6.94 -11.50
CA GLY A 246 5.95 6.59 -12.63
C GLY A 246 7.42 6.52 -12.27
N ARG A 247 8.23 6.12 -13.25
CA ARG A 247 9.68 6.09 -13.12
C ARG A 247 10.29 6.17 -14.51
N ILE A 248 11.34 6.95 -14.64
CA ILE A 248 12.09 7.05 -15.88
C ILE A 248 13.50 6.57 -15.62
N VAL A 249 13.94 5.61 -16.44
CA VAL A 249 15.28 5.02 -16.26
C VAL A 249 16.22 5.35 -17.43
N THR A 250 17.40 5.88 -17.09
CA THR A 250 18.47 6.15 -18.07
C THR A 250 19.16 4.84 -18.45
N MET A 251 19.20 4.55 -19.75
CA MET A 251 19.82 3.34 -20.27
C MET A 251 21.34 3.52 -20.37
N LYS A 252 22.08 2.42 -20.47
CA LYS A 252 23.53 2.49 -20.63
C LYS A 252 23.92 3.13 -21.96
N ARG A 253 23.09 2.92 -22.98
CA ARG A 253 23.36 3.39 -24.34
C ARG A 253 22.10 3.89 -25.03
N ASN A 254 22.27 4.88 -25.93
CA ASN A 254 21.20 5.26 -26.87
C ASN A 254 20.83 4.07 -27.72
N SER A 255 19.55 3.83 -27.92
CA SER A 255 19.13 2.65 -28.70
C SER A 255 17.79 2.86 -29.38
N ARG A 256 17.56 2.10 -30.45
CA ARG A 256 16.24 1.99 -31.06
C ARG A 256 15.79 0.54 -31.11
N ASN A 257 16.50 -0.33 -30.37
CA ASN A 257 16.26 -1.78 -30.38
C ASN A 257 15.22 -2.15 -29.34
N LEU A 258 14.04 -2.57 -29.80
CA LEU A 258 12.94 -2.93 -28.91
C LEU A 258 13.33 -3.97 -27.85
N GLU A 259 14.19 -4.91 -28.22
CA GLU A 259 14.62 -5.97 -27.32
C GLU A 259 15.62 -5.44 -26.29
N GLU A 260 16.52 -4.59 -26.73
CA GLU A 260 17.50 -3.95 -25.85
C GLU A 260 16.78 -2.97 -24.91
N ILE A 261 15.68 -2.40 -25.40
CA ILE A 261 14.95 -1.41 -24.59
C ILE A 261 13.99 -2.03 -23.55
N LYS A 262 13.27 -3.11 -23.92
CA LYS A 262 12.31 -3.80 -23.04
C LYS A 262 12.71 -3.89 -21.54
N PRO A 263 13.89 -4.45 -21.22
CA PRO A 263 14.23 -4.66 -19.80
C PRO A 263 14.22 -3.41 -18.91
N TYR A 264 14.64 -2.26 -19.43
CA TYR A 264 14.59 -0.99 -18.67
C TYR A 264 13.16 -0.51 -18.48
N LEU A 265 12.35 -0.66 -19.53
CA LEU A 265 10.92 -0.44 -19.44
C LEU A 265 10.30 -1.25 -18.32
N PHE A 266 10.68 -2.52 -18.24
CA PHE A 266 10.16 -3.40 -17.18
C PHE A 266 10.58 -2.93 -15.77
N ARG A 267 11.85 -2.56 -15.62
CA ARG A 267 12.36 -2.01 -14.35
C ARG A 267 11.54 -0.80 -13.93
N ALA A 268 11.19 0.05 -14.90
CA ALA A 268 10.31 1.20 -14.73
C ALA A 268 8.91 0.79 -14.27
N ILE A 269 8.35 -0.26 -14.90
CA ILE A 269 7.02 -0.77 -14.55
C ILE A 269 7.05 -1.40 -13.15
N GLU A 270 8.07 -2.20 -12.86
CA GLU A 270 8.20 -2.82 -11.54
C GLU A 270 8.29 -1.77 -10.42
N GLU A 271 9.12 -0.76 -10.58
CA GLU A 271 9.23 0.29 -9.57
C GLU A 271 7.90 1.03 -9.43
N SER A 272 7.25 1.33 -10.57
CA SER A 272 5.96 2.04 -10.57
C SER A 272 4.90 1.27 -9.83
N TYR A 273 4.83 -0.04 -10.06
CA TYR A 273 3.85 -0.89 -9.38
C TYR A 273 4.04 -1.05 -7.88
N TYR A 274 5.29 -1.16 -7.45
CA TYR A 274 5.60 -1.11 -6.03
C TYR A 274 5.13 0.23 -5.44
N LYS A 275 5.45 1.32 -6.12
CA LYS A 275 5.02 2.66 -5.67
C LYS A 275 3.50 2.91 -5.76
N LEU A 276 2.79 2.20 -6.66
CA LEU A 276 1.34 2.34 -6.74
C LEU A 276 0.69 2.08 -5.38
N ASP A 277 1.29 1.17 -4.62
CA ASP A 277 0.61 0.42 -3.57
C ASP A 277 -0.60 -0.40 -4.03
N LYS A 278 -1.78 0.03 -3.60
CA LYS A 278 -3.01 -0.52 -4.09
C LYS A 278 -3.80 0.61 -4.71
N ARG A 279 -3.09 1.57 -5.29
CA ARG A 279 -3.74 2.47 -6.24
C ARG A 279 -3.91 1.66 -7.52
N ILE A 280 -5.08 1.73 -8.13
CA ILE A 280 -5.33 1.04 -9.39
C ILE A 280 -5.43 2.06 -10.55
N PRO A 281 -4.43 2.06 -11.45
CA PRO A 281 -4.44 3.00 -12.58
C PRO A 281 -5.35 2.51 -13.70
N LYS A 282 -6.03 3.44 -14.38
CA LYS A 282 -6.78 3.15 -15.61
C LYS A 282 -6.01 3.58 -16.86
N ALA A 283 -5.01 4.44 -16.67
CA ALA A 283 -4.21 4.97 -17.77
C ALA A 283 -2.73 4.70 -17.60
N ILE A 284 -2.04 4.52 -18.74
CA ILE A 284 -0.61 4.30 -18.78
C ILE A 284 -0.02 5.02 -19.98
N HIS A 285 1.17 5.60 -19.79
CA HIS A 285 1.88 6.24 -20.86
C HIS A 285 3.30 5.76 -20.80
N VAL A 286 3.86 5.46 -21.96
CA VAL A 286 5.28 5.18 -22.09
C VAL A 286 5.94 6.50 -22.44
N VAL A 287 7.03 6.81 -21.75
CA VAL A 287 7.75 8.05 -21.95
C VAL A 287 9.17 7.73 -22.39
N ALA A 288 9.52 8.17 -23.60
CA ALA A 288 10.86 7.98 -24.13
C ALA A 288 11.58 9.31 -24.20
N VAL A 289 12.75 9.38 -23.57
CA VAL A 289 13.59 10.57 -23.69
C VAL A 289 14.58 10.30 -24.80
N THR A 290 14.48 11.06 -25.88
CA THR A 290 15.33 10.86 -27.04
C THR A 290 16.75 11.35 -26.76
N GLU A 291 17.67 11.04 -27.68
CA GLU A 291 19.08 11.39 -27.54
C GLU A 291 19.37 12.90 -27.47
N ASP A 292 18.56 13.69 -28.17
CA ASP A 292 18.59 15.14 -28.11
C ASP A 292 17.78 15.69 -26.92
N LEU A 293 17.36 14.81 -26.02
CA LEU A 293 16.70 15.18 -24.78
C LEU A 293 15.30 15.83 -24.96
N ASP A 294 14.58 15.40 -26.00
CA ASP A 294 13.16 15.73 -26.15
C ASP A 294 12.41 14.55 -25.59
N ILE A 295 11.09 14.62 -25.56
CA ILE A 295 10.25 13.47 -25.17
C ILE A 295 9.30 13.04 -26.31
N VAL A 296 9.20 11.73 -26.52
CA VAL A 296 8.11 11.15 -27.30
C VAL A 296 7.32 10.24 -26.36
N SER A 297 6.00 10.36 -26.36
CA SER A 297 5.18 9.63 -25.43
C SER A 297 3.90 9.14 -26.11
N ARG A 298 3.39 8.00 -25.64
CA ARG A 298 2.19 7.35 -26.20
C ARG A 298 1.53 6.65 -25.05
N GLY A 299 0.22 6.82 -24.91
CA GLY A 299 -0.52 6.21 -23.81
C GLY A 299 -1.88 5.65 -24.20
N ARG A 300 -2.47 4.91 -23.27
CA ARG A 300 -3.80 4.36 -23.47
C ARG A 300 -4.57 4.39 -22.16
N THR A 301 -5.88 4.60 -22.26
CA THR A 301 -6.76 4.59 -21.11
C THR A 301 -7.72 3.42 -21.28
N PHE A 302 -7.63 2.47 -20.36
CA PHE A 302 -8.42 1.25 -20.43
C PHE A 302 -9.75 1.44 -19.73
N PRO A 303 -10.81 0.72 -20.22
CA PRO A 303 -12.08 0.65 -19.49
C PRO A 303 -11.88 0.06 -18.10
N HIS A 304 -10.80 -0.69 -17.94
CA HIS A 304 -10.52 -1.46 -16.73
C HIS A 304 -9.18 -1.08 -16.10
N GLY A 305 -9.09 -1.18 -14.78
CA GLY A 305 -7.83 -1.06 -14.07
C GLY A 305 -6.77 -1.95 -14.71
N ILE A 306 -5.55 -1.46 -14.73
CA ILE A 306 -4.41 -2.11 -15.36
C ILE A 306 -3.68 -3.04 -14.38
N SER A 307 -3.80 -4.37 -14.56
CA SER A 307 -2.97 -5.32 -13.82
C SER A 307 -1.51 -5.08 -14.23
N LYS A 308 -0.55 -5.64 -13.49
CA LYS A 308 0.85 -5.46 -13.89
C LYS A 308 1.18 -6.19 -15.20
N GLU A 309 0.45 -7.28 -15.46
CA GLU A 309 0.51 -7.99 -16.75
C GLU A 309 0.00 -7.11 -17.91
N THR A 310 -1.24 -6.65 -17.84
CA THR A 310 -1.78 -5.70 -18.81
C THR A 310 -0.76 -4.56 -19.06
N ALA A 311 -0.02 -4.15 -18.03
CA ALA A 311 0.95 -3.04 -18.15
C ALA A 311 2.18 -3.43 -18.98
N TYR A 312 2.68 -4.66 -18.80
CA TYR A 312 3.82 -5.13 -19.61
C TYR A 312 3.47 -5.15 -21.09
N SER A 313 2.46 -5.98 -21.42
CA SER A 313 1.88 -6.08 -22.78
C SER A 313 1.68 -4.72 -23.44
N GLU A 314 0.75 -3.94 -22.88
CA GLU A 314 0.47 -2.59 -23.38
C GLU A 314 1.71 -1.75 -23.58
N SER A 315 2.61 -1.75 -22.60
CA SER A 315 3.81 -0.89 -22.65
C SER A 315 4.69 -1.20 -23.86
N VAL A 316 4.79 -2.49 -24.22
CA VAL A 316 5.56 -2.87 -25.41
C VAL A 316 4.89 -2.35 -26.68
N LYS A 317 3.55 -2.49 -26.75
CA LYS A 317 2.70 -1.92 -27.82
C LYS A 317 2.88 -0.40 -27.99
N LEU A 318 2.93 0.32 -26.88
CA LEU A 318 3.08 1.79 -26.92
C LEU A 318 4.49 2.20 -27.37
N LEU A 319 5.50 1.54 -26.82
CA LEU A 319 6.92 1.69 -27.23
C LEU A 319 7.15 1.29 -28.70
N GLN A 320 6.42 0.29 -29.18
CA GLN A 320 6.47 -0.08 -30.59
C GLN A 320 5.95 1.07 -31.46
N LYS A 321 4.80 1.65 -31.09
CA LYS A 321 4.24 2.83 -31.76
C LYS A 321 5.23 4.00 -31.83
N ILE A 322 5.88 4.31 -30.71
CA ILE A 322 6.95 5.32 -30.62
C ILE A 322 8.11 5.03 -31.59
N LEU A 323 8.55 3.77 -31.63
CA LEU A 323 9.64 3.35 -32.53
C LEU A 323 9.27 3.52 -34.00
N GLU A 324 7.96 3.49 -34.28
CA GLU A 324 7.42 3.58 -35.64
C GLU A 324 7.17 5.02 -36.07
N GLU A 325 6.65 5.83 -35.16
CA GLU A 325 6.24 7.19 -35.51
C GLU A 325 7.28 8.23 -35.10
N ASP A 326 8.49 7.79 -34.78
CA ASP A 326 9.64 8.68 -34.48
C ASP A 326 10.96 8.01 -34.80
N GLU A 327 11.89 8.78 -35.36
CA GLU A 327 13.13 8.22 -35.91
C GLU A 327 14.38 8.34 -35.02
N ARG A 328 14.27 9.09 -33.92
CA ARG A 328 15.43 9.34 -33.04
C ARG A 328 15.76 8.11 -32.17
N LYS A 329 17.03 8.01 -31.77
CA LYS A 329 17.43 7.03 -30.76
C LYS A 329 16.88 7.44 -29.41
N ILE A 330 16.58 6.44 -28.59
CA ILE A 330 16.04 6.64 -27.26
C ILE A 330 17.17 6.52 -26.24
N ARG A 331 17.19 7.47 -25.31
CA ARG A 331 18.21 7.57 -24.26
C ARG A 331 17.71 7.13 -22.88
N ARG A 332 16.52 7.59 -22.51
CA ARG A 332 15.92 7.16 -21.25
C ARG A 332 14.51 6.66 -21.56
N ILE A 333 13.98 5.82 -20.70
CA ILE A 333 12.69 5.20 -20.98
C ILE A 333 11.90 4.96 -19.70
N GLY A 334 10.61 5.27 -19.71
CA GLY A 334 9.84 5.01 -18.53
C GLY A 334 8.37 4.99 -18.79
N VAL A 335 7.62 4.89 -17.69
CA VAL A 335 6.17 4.77 -17.75
C VAL A 335 5.56 5.72 -16.72
N ARG A 336 4.32 6.08 -16.97
CA ARG A 336 3.51 6.81 -16.05
C ARG A 336 2.17 6.16 -15.99
N PHE A 337 1.71 5.93 -14.78
CA PHE A 337 0.38 5.43 -14.51
C PHE A 337 -0.47 6.53 -13.89
N SER A 338 -1.72 6.63 -14.35
CA SER A 338 -2.63 7.66 -13.88
C SER A 338 -4.10 7.23 -13.92
N LYS A 339 -4.99 8.19 -13.65
CA LYS A 339 -6.44 7.98 -13.61
C LYS A 339 -6.80 6.86 -12.64
N PHE A 340 -6.46 7.07 -11.36
CA PHE A 340 -6.71 6.07 -10.33
C PHE A 340 -8.19 6.04 -9.96
N ILE A 341 -8.76 4.84 -9.90
CA ILE A 341 -10.03 4.63 -9.20
C ILE A 341 -9.66 4.82 -7.72
N THR A 342 -10.48 5.48 -6.90
CA THR A 342 -11.83 5.93 -7.15
C THR A 342 -11.80 7.45 -7.24
C1 PEG B . 3.22 15.50 -21.19
O1 PEG B . 4.55 15.08 -20.83
C2 PEG B . 3.22 16.50 -22.36
O2 PEG B . 2.23 16.23 -23.35
C3 PEG B . 2.63 16.66 -24.66
C4 PEG B . 1.90 15.83 -25.69
O4 PEG B . 2.59 15.78 -26.94
C1 GOL C . -12.69 -8.23 6.25
O1 GOL C . -13.68 -7.66 7.04
C2 GOL C . -12.74 -9.69 6.56
O2 GOL C . -13.46 -10.25 5.50
C3 GOL C . -11.33 -10.21 6.46
O3 GOL C . -10.61 -9.60 7.51
#